data_1FCF
#
_entry.id   1FCF
#
_cell.length_a   148.753
_cell.length_b   148.753
_cell.length_c   100.173
_cell.angle_alpha   90.00
_cell.angle_beta   90.00
_cell.angle_gamma   120.00
#
_symmetry.space_group_name_H-M   'H 3 2'
#
loop_
_entity.id
_entity.type
_entity.pdbx_description
1 polymer 'PHOTOSYSTEM II D1 PROTEASE'
2 non-polymer 'SULFATE ION'
3 water water
#
_entity_poly.entity_id   1
_entity_poly.type   'polypeptide(L)'
_entity_poly.pdbx_seq_one_letter_code
;MVTSEQLLFLEAWRAVDRAYVDKSFNGQSWFKLRETYLKKEPMDRRAQTYDAIRKLLAVLDDPFTRFLEPSRLAALRRGT
AGSVTGVGLEITYDGGSGKDVVVLTPAPGGPAEKAGARAGDVIVTVDGTAVKGLSLYDVSDLLQGEADSQVEVVLHAPGA
PSNTRTLQLTRQKVTINPVTFTTCSNVAAAALPPGAAKQQLGYVRLATFNSNTTAAAQQAFTELSKQGVAGLVLDIRNNG
GGLFPAGVNVARMLVDRGDLVLIADSQGIRDIYSADGNSIDSATPLVVLVNRGTASASEVLAGALKDSKRGLIAGERTFG
KGLIQTVVDLSDGSGVAVTVARYQTPAGVDINKIGVSPDVQLDPEVLPTDLEGVCRVLGSDAAPRLFG
;
_entity_poly.pdbx_strand_id   A
#
# COMPACT_ATOMS: atom_id res chain seq x y z
N MET A 1 -16.97 21.57 -35.94
CA MET A 1 -15.70 22.29 -35.86
C MET A 1 -14.58 21.36 -35.39
N VAL A 2 -14.37 20.16 -35.92
CA VAL A 2 -13.40 19.17 -35.47
C VAL A 2 -11.90 19.17 -35.83
N THR A 3 -11.06 18.74 -34.86
CA THR A 3 -9.62 18.55 -35.00
C THR A 3 -9.10 17.19 -34.51
N SER A 4 -7.93 16.80 -34.96
CA SER A 4 -7.36 15.56 -34.52
C SER A 4 -7.06 15.63 -33.01
N GLU A 5 -6.63 16.84 -32.64
CA GLU A 5 -6.18 17.32 -31.31
C GLU A 5 -7.32 17.42 -30.34
N GLN A 6 -8.37 18.01 -30.83
CA GLN A 6 -9.49 18.11 -29.99
C GLN A 6 -10.05 16.78 -29.63
N LEU A 7 -10.05 15.91 -30.63
CA LEU A 7 -10.53 14.56 -30.49
C LEU A 7 -9.79 13.79 -29.44
N LEU A 8 -8.48 13.95 -29.47
CA LEU A 8 -7.58 13.25 -28.56
C LEU A 8 -7.77 13.77 -27.14
N PHE A 9 -7.72 15.11 -27.06
CA PHE A 9 -8.01 15.77 -25.85
C PHE A 9 -9.33 15.29 -25.29
N LEU A 10 -10.33 15.15 -26.12
CA LEU A 10 -11.63 14.70 -25.60
C LEU A 10 -11.65 13.23 -25.09
N GLU A 11 -10.77 12.39 -25.62
CA GLU A 11 -10.68 11.02 -25.27
C GLU A 11 -10.18 10.94 -23.86
N ALA A 12 -9.23 11.83 -23.61
CA ALA A 12 -8.56 11.97 -22.33
C ALA A 12 -9.50 12.53 -21.22
N TRP A 13 -10.38 13.45 -21.60
CA TRP A 13 -11.29 14.03 -20.64
C TRP A 13 -12.41 13.05 -20.35
N ARG A 14 -12.75 12.33 -21.39
CA ARG A 14 -13.76 11.35 -21.28
C ARG A 14 -13.37 10.22 -20.40
N ALA A 15 -12.19 9.67 -20.64
CA ALA A 15 -11.65 8.55 -19.84
C ALA A 15 -11.88 8.83 -18.37
N VAL A 16 -11.41 10.02 -18.05
CA VAL A 16 -11.56 10.58 -16.73
C VAL A 16 -13.01 10.81 -16.47
N ASP A 17 -13.65 11.52 -17.40
CA ASP A 17 -15.06 11.80 -17.18
C ASP A 17 -15.82 10.56 -16.80
N ARG A 18 -15.45 9.49 -17.44
CA ARG A 18 -16.11 8.25 -17.22
C ARG A 18 -15.57 7.37 -16.09
N ALA A 19 -14.21 7.33 -15.85
CA ALA A 19 -13.54 6.44 -14.84
C ALA A 19 -13.18 7.02 -13.44
N TYR A 20 -12.89 8.31 -13.36
CA TYR A 20 -12.49 8.92 -12.14
C TYR A 20 -13.38 8.52 -10.97
N VAL A 21 -12.72 8.24 -9.86
CA VAL A 21 -13.33 7.70 -8.69
C VAL A 21 -14.24 8.72 -8.01
N ASP A 22 -13.93 9.99 -8.17
CA ASP A 22 -14.71 11.02 -7.56
C ASP A 22 -15.44 11.82 -8.60
N LYS A 23 -16.69 11.56 -8.81
CA LYS A 23 -17.43 12.39 -9.76
C LYS A 23 -17.70 13.90 -9.40
N SER A 24 -17.03 14.49 -8.43
CA SER A 24 -17.15 15.90 -8.10
C SER A 24 -15.95 16.61 -8.69
N PHE A 25 -15.04 15.80 -9.26
CA PHE A 25 -13.83 16.27 -9.90
C PHE A 25 -13.19 17.40 -9.16
N ASN A 26 -12.66 17.08 -7.98
CA ASN A 26 -12.01 18.06 -7.14
C ASN A 26 -12.79 19.36 -7.04
N GLY A 27 -14.15 19.22 -7.21
CA GLY A 27 -15.14 20.30 -7.13
C GLY A 27 -15.09 21.28 -8.30
N GLN A 28 -14.63 20.78 -9.40
CA GLN A 28 -14.55 21.56 -10.58
C GLN A 28 -15.65 21.09 -11.39
N SER A 29 -16.02 21.84 -12.40
CA SER A 29 -17.01 21.33 -13.35
C SER A 29 -16.20 20.70 -14.48
N TRP A 30 -16.20 19.36 -14.57
CA TRP A 30 -15.42 18.67 -15.58
C TRP A 30 -15.87 19.11 -17.01
N PHE A 31 -17.20 19.20 -17.24
CA PHE A 31 -17.82 19.65 -18.49
C PHE A 31 -17.56 21.08 -18.82
N LYS A 32 -17.51 21.93 -17.84
CA LYS A 32 -17.19 23.26 -18.21
C LYS A 32 -15.72 23.40 -18.60
N LEU A 33 -14.79 22.67 -17.94
CA LEU A 33 -13.35 22.68 -18.22
C LEU A 33 -13.04 22.28 -19.64
N ARG A 34 -13.76 21.29 -20.07
CA ARG A 34 -13.71 20.76 -21.39
C ARG A 34 -13.82 21.98 -22.32
N GLU A 35 -14.96 22.66 -22.23
CA GLU A 35 -15.24 23.89 -23.02
C GLU A 35 -14.13 24.88 -22.93
N THR A 36 -13.82 25.23 -21.72
CA THR A 36 -12.77 26.18 -21.49
C THR A 36 -11.53 25.79 -22.15
N TYR A 37 -11.21 24.51 -22.04
CA TYR A 37 -9.96 24.05 -22.57
C TYR A 37 -9.95 24.04 -24.08
N LEU A 38 -10.99 23.47 -24.69
CA LEU A 38 -11.05 23.45 -26.13
C LEU A 38 -10.96 24.84 -26.68
N LYS A 39 -11.63 25.77 -25.97
CA LYS A 39 -11.62 27.17 -26.29
C LYS A 39 -10.30 27.90 -26.08
N LYS A 40 -9.73 27.88 -24.90
CA LYS A 40 -8.53 28.65 -24.63
C LYS A 40 -7.19 27.97 -24.74
N GLU A 41 -7.18 26.63 -24.82
CA GLU A 41 -5.91 25.93 -24.82
C GLU A 41 -5.47 25.54 -26.23
N PRO A 42 -4.18 25.75 -26.49
CA PRO A 42 -3.63 25.49 -27.77
C PRO A 42 -3.31 24.05 -27.85
N MET A 43 -3.88 23.55 -28.91
CA MET A 43 -3.80 22.21 -29.34
C MET A 43 -3.46 22.19 -30.85
N ASP A 44 -2.29 22.76 -31.23
CA ASP A 44 -1.81 22.87 -32.64
C ASP A 44 -0.97 21.71 -33.16
N ARG A 45 -0.42 20.95 -32.21
CA ARG A 45 0.43 19.79 -32.33
C ARG A 45 0.09 18.87 -31.15
N ARG A 46 0.48 17.63 -31.22
CA ARG A 46 0.20 16.69 -30.19
C ARG A 46 0.90 17.04 -28.93
N ALA A 47 2.03 17.72 -29.08
CA ALA A 47 2.74 18.03 -27.90
C ALA A 47 1.95 18.92 -27.02
N GLN A 48 1.33 19.92 -27.66
CA GLN A 48 0.49 20.92 -27.00
C GLN A 48 -0.73 20.31 -26.41
N THR A 49 -1.29 19.34 -27.14
CA THR A 49 -2.46 18.62 -26.68
C THR A 49 -2.14 17.83 -25.40
N TYR A 50 -0.92 17.34 -25.39
CA TYR A 50 -0.38 16.60 -24.26
C TYR A 50 -0.29 17.47 -23.04
N ASP A 51 0.23 18.65 -23.21
CA ASP A 51 0.26 19.62 -22.16
C ASP A 51 -1.12 20.01 -21.64
N ALA A 52 -2.08 20.23 -22.54
CA ALA A 52 -3.39 20.64 -22.11
C ALA A 52 -4.08 19.57 -21.23
N ILE A 53 -3.79 18.30 -21.59
CA ILE A 53 -4.32 17.11 -20.90
C ILE A 53 -3.76 17.04 -19.51
N ARG A 54 -2.46 17.32 -19.46
CA ARG A 54 -1.72 17.37 -18.21
C ARG A 54 -2.28 18.42 -17.28
N LYS A 55 -2.44 19.60 -17.83
CA LYS A 55 -3.07 20.74 -17.16
C LYS A 55 -4.45 20.34 -16.64
N LEU A 56 -5.23 19.84 -17.55
CA LEU A 56 -6.52 19.39 -17.23
C LEU A 56 -6.46 18.48 -16.01
N LEU A 57 -5.56 17.47 -16.06
CA LEU A 57 -5.41 16.47 -14.99
C LEU A 57 -5.15 17.01 -13.56
N ALA A 58 -4.32 17.98 -13.52
CA ALA A 58 -3.89 18.53 -12.32
C ALA A 58 -4.96 19.22 -11.53
N VAL A 59 -6.07 19.63 -12.15
CA VAL A 59 -7.09 20.34 -11.37
C VAL A 59 -7.70 19.42 -10.37
N LEU A 60 -7.56 18.18 -10.66
CA LEU A 60 -8.10 17.18 -9.84
C LEU A 60 -7.45 17.07 -8.46
N ASP A 61 -6.18 17.48 -8.33
CA ASP A 61 -5.38 17.30 -7.11
C ASP A 61 -5.19 15.85 -6.66
N ASP A 62 -5.08 14.89 -7.59
CA ASP A 62 -4.85 13.48 -7.29
C ASP A 62 -3.55 13.08 -7.93
N PRO A 63 -2.47 12.95 -7.15
CA PRO A 63 -1.17 12.64 -7.70
C PRO A 63 -1.10 11.32 -8.41
N PHE A 64 -2.09 10.49 -8.32
CA PHE A 64 -2.01 9.25 -9.03
C PHE A 64 -2.67 9.34 -10.39
N THR A 65 -3.44 10.39 -10.61
CA THR A 65 -4.14 10.64 -11.84
C THR A 65 -3.21 11.49 -12.72
N ARG A 66 -2.61 10.79 -13.71
CA ARG A 66 -1.57 11.41 -14.54
C ARG A 66 -1.67 10.94 -15.99
N PHE A 67 -1.02 11.75 -16.83
CA PHE A 67 -0.97 11.46 -18.25
C PHE A 67 0.28 10.65 -18.64
N LEU A 68 0.07 9.66 -19.51
CA LEU A 68 1.21 8.88 -19.98
C LEU A 68 1.38 8.95 -21.48
N GLU A 69 2.45 9.60 -21.85
CA GLU A 69 2.88 9.69 -23.23
C GLU A 69 3.18 8.30 -23.69
N PRO A 70 3.22 8.04 -25.00
CA PRO A 70 3.42 6.70 -25.46
C PRO A 70 4.68 5.99 -25.06
N SER A 71 5.76 6.71 -24.79
CA SER A 71 7.04 6.19 -24.34
C SER A 71 7.00 5.53 -22.94
N ARG A 72 6.32 6.24 -21.99
CA ARG A 72 6.19 5.68 -20.66
C ARG A 72 5.20 4.60 -20.67
N LEU A 73 4.11 4.76 -21.41
CA LEU A 73 3.17 3.67 -21.46
C LEU A 73 3.69 2.46 -22.20
N ALA A 74 5.01 2.45 -22.43
CA ALA A 74 5.73 1.31 -23.05
C ALA A 74 6.66 0.78 -21.98
N ALA A 75 7.49 1.75 -21.59
CA ALA A 75 8.45 1.68 -20.56
C ALA A 75 7.83 1.23 -19.28
N LEU A 76 6.54 1.42 -19.21
CA LEU A 76 5.80 1.14 -18.03
C LEU A 76 4.98 -0.13 -18.18
N ARG A 77 4.88 -0.76 -19.34
CA ARG A 77 3.95 -1.90 -19.43
C ARG A 77 4.06 -3.14 -18.50
N ARG A 78 5.34 -3.58 -18.37
CA ARG A 78 5.88 -4.66 -17.54
C ARG A 78 7.42 -4.67 -17.60
N GLY A 79 8.06 -4.66 -16.42
CA GLY A 79 9.50 -4.69 -16.40
C GLY A 79 10.20 -3.59 -15.62
N THR A 80 10.78 -4.06 -14.48
CA THR A 80 11.59 -3.34 -13.46
C THR A 80 12.06 -4.19 -12.25
N ALA A 81 11.60 -5.47 -12.27
CA ALA A 81 11.99 -6.48 -11.29
C ALA A 81 13.39 -7.01 -11.70
N GLY A 82 13.57 -6.90 -13.07
CA GLY A 82 14.74 -7.26 -13.89
C GLY A 82 16.03 -6.54 -13.44
N SER A 83 17.09 -6.63 -14.34
CA SER A 83 18.48 -6.11 -14.21
C SER A 83 18.65 -4.73 -13.55
N VAL A 84 17.49 -4.19 -13.13
CA VAL A 84 17.28 -2.91 -12.46
C VAL A 84 17.22 -3.02 -10.94
N THR A 85 18.12 -2.25 -10.32
CA THR A 85 18.26 -2.27 -8.90
C THR A 85 17.93 -0.97 -8.21
N GLY A 86 17.38 -1.09 -6.98
CA GLY A 86 16.97 0.01 -6.12
C GLY A 86 17.47 -0.16 -4.69
N VAL A 87 16.96 0.68 -3.81
CA VAL A 87 17.38 0.64 -2.42
C VAL A 87 16.34 0.24 -1.36
N GLY A 88 15.51 -0.78 -1.62
CA GLY A 88 14.51 -1.22 -0.66
C GLY A 88 13.73 -0.06 -0.09
N LEU A 89 13.03 0.63 -0.93
CA LEU A 89 12.20 1.74 -0.57
C LEU A 89 10.86 1.56 -1.28
N GLU A 90 9.78 1.90 -0.63
CA GLU A 90 8.51 1.74 -1.26
C GLU A 90 7.88 3.07 -1.01
N ILE A 91 7.62 3.77 -2.13
CA ILE A 91 7.24 5.19 -2.11
C ILE A 91 5.81 5.52 -2.43
N THR A 92 5.39 6.63 -1.92
CA THR A 92 4.02 7.04 -2.21
C THR A 92 3.89 8.54 -1.90
N TYR A 93 2.73 9.13 -2.16
CA TYR A 93 2.57 10.55 -1.92
C TYR A 93 1.92 10.81 -0.58
N ASP A 94 2.18 11.99 0.04
CA ASP A 94 1.62 12.41 1.34
C ASP A 94 0.04 12.47 1.52
N GLY A 95 -0.37 12.77 2.82
CA GLY A 95 -1.69 12.89 3.49
C GLY A 95 -2.77 13.81 2.91
N GLY A 96 -2.54 15.15 2.91
CA GLY A 96 -3.50 16.13 2.33
C GLY A 96 -3.10 16.50 0.89
N SER A 97 -2.74 17.79 0.64
CA SER A 97 -2.15 18.11 -0.65
C SER A 97 -0.72 17.46 -0.52
N GLY A 98 -0.66 16.20 -1.03
CA GLY A 98 0.48 15.33 -0.90
C GLY A 98 1.52 15.48 -1.98
N LYS A 99 1.94 16.73 -2.18
CA LYS A 99 2.97 17.07 -3.16
C LYS A 99 4.17 16.14 -2.92
N ASP A 100 4.29 15.86 -1.63
CA ASP A 100 5.35 15.08 -1.00
C ASP A 100 5.44 13.58 -1.30
N VAL A 101 6.64 13.13 -1.57
CA VAL A 101 6.83 11.72 -1.77
C VAL A 101 7.41 11.22 -0.46
N VAL A 102 6.79 10.15 0.06
CA VAL A 102 7.20 9.53 1.33
C VAL A 102 7.56 8.08 1.17
N VAL A 103 8.28 7.59 2.19
CA VAL A 103 8.56 6.17 2.29
C VAL A 103 7.28 5.59 2.83
N LEU A 104 6.70 4.74 2.02
CA LEU A 104 5.52 4.03 2.40
C LEU A 104 6.01 3.12 3.53
N THR A 105 7.03 2.38 3.11
CA THR A 105 7.70 1.39 3.93
C THR A 105 9.03 1.01 3.33
N PRO A 106 10.00 0.82 4.17
CA PRO A 106 11.26 0.46 3.65
C PRO A 106 11.35 -1.02 3.59
N ALA A 107 11.84 -1.54 2.47
CA ALA A 107 12.04 -2.97 2.31
C ALA A 107 12.80 -3.52 3.51
N PRO A 108 12.12 -4.44 4.21
CA PRO A 108 12.71 -5.09 5.35
C PRO A 108 14.01 -5.79 4.98
N GLY A 109 15.06 -5.31 5.63
CA GLY A 109 16.38 -5.86 5.44
C GLY A 109 16.98 -5.27 4.22
N GLY A 110 16.47 -4.09 3.86
CA GLY A 110 16.94 -3.43 2.68
C GLY A 110 17.98 -2.43 3.08
N PRO A 111 18.75 -2.02 2.08
CA PRO A 111 19.80 -1.02 2.24
C PRO A 111 19.28 0.28 2.80
N ALA A 112 18.01 0.59 2.53
CA ALA A 112 17.48 1.87 2.98
C ALA A 112 17.14 1.79 4.44
N GLU A 113 16.52 0.64 4.75
CA GLU A 113 16.13 0.26 6.09
C GLU A 113 17.39 0.15 6.99
N LYS A 114 18.31 -0.76 6.60
CA LYS A 114 19.59 -0.97 7.27
C LYS A 114 20.38 0.31 7.29
N ALA A 115 19.74 1.39 6.99
CA ALA A 115 20.40 2.66 6.98
C ALA A 115 19.57 3.67 7.72
N GLY A 116 18.49 3.30 8.35
CA GLY A 116 17.82 4.39 9.08
C GLY A 116 16.51 4.96 8.49
N ALA A 117 16.22 4.55 7.25
CA ALA A 117 14.98 4.90 6.61
C ALA A 117 13.74 4.21 7.25
N ARG A 118 12.72 4.97 7.66
CA ARG A 118 11.50 4.40 8.27
C ARG A 118 10.18 4.77 7.56
N ALA A 119 9.14 3.95 7.73
CA ALA A 119 7.85 4.25 7.16
C ALA A 119 7.43 5.65 7.60
N GLY A 120 6.89 6.49 6.68
CA GLY A 120 6.48 7.83 7.08
C GLY A 120 7.47 8.96 6.74
N ASP A 121 8.74 8.57 6.56
CA ASP A 121 9.81 9.49 6.17
C ASP A 121 9.55 10.20 4.84
N VAL A 122 9.89 11.47 4.81
CA VAL A 122 9.73 12.27 3.61
C VAL A 122 10.97 12.29 2.79
N ILE A 123 10.71 12.05 1.53
CA ILE A 123 11.82 12.04 0.64
C ILE A 123 12.11 13.44 0.17
N VAL A 124 13.31 13.93 0.51
CA VAL A 124 13.68 15.29 0.17
C VAL A 124 14.43 15.41 -1.17
N THR A 125 15.46 14.59 -1.38
CA THR A 125 16.25 14.63 -2.62
C THR A 125 16.91 13.32 -2.84
N VAL A 126 17.07 12.98 -4.11
CA VAL A 126 17.84 11.82 -4.50
C VAL A 126 18.97 12.28 -5.42
N ASP A 127 20.22 12.37 -4.93
CA ASP A 127 21.31 12.83 -5.80
C ASP A 127 21.33 14.37 -6.01
N GLY A 128 20.59 15.13 -5.13
CA GLY A 128 20.53 16.60 -5.15
C GLY A 128 19.26 17.24 -5.75
N THR A 129 18.60 16.43 -6.56
CA THR A 129 17.33 16.71 -7.23
C THR A 129 16.17 16.63 -6.22
N ALA A 130 15.51 17.75 -6.01
CA ALA A 130 14.37 17.74 -5.15
C ALA A 130 13.32 16.81 -5.80
N VAL A 131 12.44 16.21 -4.96
CA VAL A 131 11.36 15.28 -5.39
C VAL A 131 9.88 15.68 -5.27
N LYS A 132 9.57 16.87 -4.73
CA LYS A 132 8.19 17.32 -4.50
C LYS A 132 7.49 17.59 -5.78
N GLY A 133 6.28 17.11 -5.92
CA GLY A 133 5.57 17.48 -7.12
C GLY A 133 5.88 16.58 -8.32
N LEU A 134 6.97 15.76 -8.15
CA LEU A 134 7.51 14.73 -9.07
C LEU A 134 6.67 13.45 -9.06
N SER A 135 6.69 12.69 -10.18
CA SER A 135 5.97 11.46 -10.36
C SER A 135 6.66 10.40 -9.55
N LEU A 136 5.93 9.30 -9.30
CA LEU A 136 6.54 8.26 -8.53
C LEU A 136 7.48 7.53 -9.43
N TYR A 137 7.01 7.35 -10.66
CA TYR A 137 7.72 6.68 -11.73
C TYR A 137 8.99 7.42 -11.97
N ASP A 138 8.88 8.72 -11.86
CA ASP A 138 10.04 9.60 -11.98
C ASP A 138 11.01 9.40 -10.80
N VAL A 139 10.44 9.53 -9.59
CA VAL A 139 11.21 9.33 -8.37
C VAL A 139 11.90 7.93 -8.35
N SER A 140 11.20 6.91 -8.81
CA SER A 140 11.76 5.58 -8.85
C SER A 140 12.91 5.48 -9.79
N ASP A 141 12.82 6.34 -10.78
CA ASP A 141 13.84 6.41 -11.79
C ASP A 141 15.10 7.03 -11.22
N LEU A 142 14.95 7.91 -10.20
CA LEU A 142 16.12 8.49 -9.52
C LEU A 142 16.79 7.54 -8.48
N LEU A 143 15.90 6.76 -7.83
CA LEU A 143 16.19 5.71 -6.88
C LEU A 143 16.87 4.58 -7.59
N GLN A 144 16.31 4.24 -8.72
CA GLN A 144 16.94 3.21 -9.50
C GLN A 144 18.23 3.57 -10.26
N GLY A 145 19.08 2.54 -10.30
CA GLY A 145 20.38 2.46 -10.95
C GLY A 145 20.74 0.98 -11.21
N GLU A 146 22.02 0.70 -11.10
CA GLU A 146 22.45 -0.65 -11.35
C GLU A 146 23.10 -1.22 -10.10
N ALA A 147 23.39 -2.53 -10.18
CA ALA A 147 24.02 -3.25 -9.09
C ALA A 147 25.39 -2.67 -8.83
N ASP A 148 25.63 -2.39 -7.57
CA ASP A 148 26.91 -1.88 -7.10
C ASP A 148 26.96 -0.41 -7.13
N SER A 149 25.86 0.21 -7.52
CA SER A 149 25.94 1.65 -7.51
C SER A 149 25.63 2.22 -6.17
N GLN A 150 25.71 3.50 -6.12
CA GLN A 150 25.32 4.20 -4.94
C GLN A 150 24.40 5.33 -5.32
N VAL A 151 23.77 5.83 -4.28
CA VAL A 151 22.85 6.93 -4.40
C VAL A 151 22.54 7.49 -3.05
N GLU A 152 22.65 8.78 -2.99
CA GLU A 152 22.42 9.49 -1.78
C GLU A 152 21.09 10.08 -1.90
N VAL A 153 20.45 9.93 -0.77
CA VAL A 153 19.09 10.22 -0.46
C VAL A 153 18.94 10.95 0.88
N VAL A 154 18.23 12.03 0.78
CA VAL A 154 18.01 12.83 1.92
C VAL A 154 16.60 12.76 2.30
N LEU A 155 16.39 12.31 3.52
CA LEU A 155 15.06 12.30 4.06
C LEU A 155 15.04 13.19 5.26
N HIS A 156 13.87 13.04 5.87
CA HIS A 156 13.43 13.67 7.08
C HIS A 156 12.19 12.98 7.68
N ALA A 157 12.27 12.64 9.01
CA ALA A 157 11.16 12.12 9.83
C ALA A 157 9.90 12.96 9.65
N PRO A 158 8.70 12.39 9.48
CA PRO A 158 7.55 13.25 9.26
C PRO A 158 7.34 14.35 10.31
N GLY A 159 7.02 15.58 9.85
CA GLY A 159 6.81 16.73 10.75
C GLY A 159 8.09 17.38 11.26
N ALA A 160 9.18 16.69 11.00
CA ALA A 160 10.44 17.23 11.35
C ALA A 160 11.19 17.52 10.06
N PRO A 161 10.69 18.57 9.30
CA PRO A 161 11.29 19.04 8.04
C PRO A 161 12.76 19.45 8.11
N SER A 162 13.18 19.92 9.29
CA SER A 162 14.58 20.22 9.52
C SER A 162 15.31 18.93 9.88
N ASN A 163 14.65 18.08 10.67
CA ASN A 163 15.27 16.82 11.04
C ASN A 163 15.73 16.06 9.80
N THR A 164 16.81 16.50 9.20
CA THR A 164 17.21 15.84 7.98
C THR A 164 18.38 14.86 7.97
N ARG A 165 18.04 13.72 7.39
CA ARG A 165 18.98 12.65 7.28
C ARG A 165 19.28 12.32 5.85
N THR A 166 20.56 12.33 5.60
CA THR A 166 21.10 12.00 4.32
C THR A 166 21.49 10.52 4.28
N LEU A 167 21.13 9.79 3.25
CA LEU A 167 21.49 8.35 3.26
C LEU A 167 22.27 7.92 2.04
N GLN A 168 23.51 7.64 2.14
CA GLN A 168 24.09 7.23 0.88
C GLN A 168 23.80 5.71 0.71
N LEU A 169 23.14 5.28 -0.34
CA LEU A 169 22.81 3.89 -0.30
C LEU A 169 23.30 3.14 -1.48
N THR A 170 23.61 1.90 -1.20
CA THR A 170 24.06 1.01 -2.21
C THR A 170 22.99 0.15 -2.85
N ARG A 171 22.90 0.37 -4.16
CA ARG A 171 21.95 -0.32 -4.99
C ARG A 171 22.10 -1.81 -4.85
N GLN A 172 20.97 -2.45 -4.46
CA GLN A 172 20.86 -3.90 -4.33
C GLN A 172 19.49 -4.36 -4.71
N LYS A 173 19.47 -5.53 -5.36
CA LYS A 173 18.24 -6.20 -5.73
C LYS A 173 17.73 -6.81 -4.44
N VAL A 174 16.52 -6.36 -4.05
CA VAL A 174 15.91 -6.72 -2.77
C VAL A 174 14.68 -7.56 -2.91
N THR A 175 14.78 -8.83 -2.52
CA THR A 175 13.61 -9.67 -2.49
C THR A 175 13.05 -9.62 -1.06
N ILE A 176 11.76 -9.34 -0.96
CA ILE A 176 11.15 -9.31 0.34
C ILE A 176 10.51 -10.62 0.62
N ASN A 177 10.91 -11.20 1.73
CA ASN A 177 10.32 -12.47 2.06
C ASN A 177 8.94 -12.25 2.57
N PRO A 178 8.00 -12.77 1.79
CA PRO A 178 6.63 -12.61 2.14
C PRO A 178 6.22 -12.94 3.62
N VAL A 179 6.64 -14.11 4.08
CA VAL A 179 6.19 -14.64 5.33
C VAL A 179 7.23 -15.37 6.13
N THR A 180 7.11 -15.23 7.39
CA THR A 180 7.90 -15.90 8.35
C THR A 180 6.92 -16.42 9.37
N PHE A 181 7.20 -17.53 10.02
CA PHE A 181 6.32 -18.01 11.07
C PHE A 181 7.05 -18.96 12.03
N THR A 182 6.53 -19.03 13.26
CA THR A 182 6.99 -19.93 14.31
C THR A 182 5.94 -20.11 15.38
N THR A 183 6.20 -21.11 16.21
CA THR A 183 5.46 -21.29 17.42
C THR A 183 6.33 -20.79 18.56
N CYS A 184 5.69 -20.05 19.47
CA CYS A 184 6.31 -19.51 20.66
C CYS A 184 5.84 -20.27 21.87
N SER A 185 6.79 -20.84 22.62
CA SER A 185 6.38 -21.68 23.74
C SER A 185 6.58 -21.02 25.08
N ASN A 186 5.90 -21.49 26.11
CA ASN A 186 6.13 -20.88 27.41
C ASN A 186 5.81 -19.41 27.36
N VAL A 187 4.84 -19.14 26.54
CA VAL A 187 4.47 -17.76 26.40
C VAL A 187 3.98 -17.27 27.79
N ALA A 188 4.27 -15.98 28.09
CA ALA A 188 3.89 -15.20 29.31
C ALA A 188 2.35 -15.02 29.44
N ALA A 189 1.78 -15.10 30.69
CA ALA A 189 0.31 -15.05 30.89
C ALA A 189 -0.44 -13.91 30.21
N ALA A 190 0.22 -12.74 30.29
CA ALA A 190 -0.22 -11.45 29.76
C ALA A 190 -0.43 -11.42 28.23
N ALA A 191 0.23 -12.34 27.46
CA ALA A 191 0.12 -12.27 26.00
C ALA A 191 -0.75 -13.34 25.42
N LEU A 192 -1.25 -14.14 26.31
CA LEU A 192 -2.04 -15.29 25.93
C LEU A 192 -3.47 -14.87 25.91
N PRO A 193 -4.22 -15.35 24.93
CA PRO A 193 -5.65 -15.01 24.90
C PRO A 193 -6.34 -15.33 26.25
N PRO A 194 -7.63 -15.00 26.41
CA PRO A 194 -8.27 -15.38 27.65
C PRO A 194 -9.14 -16.62 27.43
N GLY A 195 -8.53 -17.80 27.73
CA GLY A 195 -9.08 -19.16 27.61
C GLY A 195 -8.00 -20.17 27.20
N ALA A 196 -6.79 -19.63 27.19
CA ALA A 196 -5.66 -20.36 26.73
C ALA A 196 -5.43 -21.62 27.51
N ALA A 197 -5.50 -22.71 26.74
CA ALA A 197 -5.25 -24.02 27.27
C ALA A 197 -3.81 -24.44 26.94
N LYS A 198 -2.80 -23.53 27.02
CA LYS A 198 -1.47 -23.95 26.57
C LYS A 198 -0.68 -22.76 26.34
N GLN A 199 0.55 -22.74 26.82
CA GLN A 199 1.32 -21.51 26.67
C GLN A 199 2.06 -21.25 25.36
N GLN A 200 1.32 -21.46 24.27
CA GLN A 200 1.79 -21.34 22.94
C GLN A 200 0.96 -20.42 22.11
N LEU A 201 1.71 -19.64 21.32
CA LEU A 201 1.27 -18.68 20.35
C LEU A 201 1.94 -18.97 19.03
N GLY A 202 1.17 -18.89 17.95
CA GLY A 202 1.69 -19.01 16.60
C GLY A 202 1.98 -17.60 16.10
N TYR A 203 3.19 -17.28 15.76
CA TYR A 203 3.46 -15.98 15.23
C TYR A 203 3.66 -16.02 13.70
N VAL A 204 3.05 -15.12 12.95
CA VAL A 204 3.24 -15.07 11.53
C VAL A 204 3.56 -13.66 11.08
N ARG A 205 4.70 -13.46 10.49
CA ARG A 205 5.11 -12.21 9.91
C ARG A 205 4.75 -12.19 8.43
N LEU A 206 3.85 -11.31 8.05
CA LEU A 206 3.42 -11.15 6.69
C LEU A 206 3.76 -9.74 6.28
N ALA A 207 4.91 -9.70 5.61
CA ALA A 207 5.68 -8.53 5.14
C ALA A 207 5.27 -8.01 3.78
N THR A 208 4.65 -8.82 2.95
CA THR A 208 4.20 -8.22 1.73
C THR A 208 3.27 -9.12 1.05
N PHE A 209 2.55 -8.55 0.09
CA PHE A 209 1.64 -9.33 -0.75
C PHE A 209 2.18 -9.51 -2.21
N ASN A 210 2.58 -10.73 -2.49
CA ASN A 210 3.12 -10.98 -3.75
C ASN A 210 2.67 -12.33 -4.17
N SER A 211 3.31 -12.75 -5.24
CA SER A 211 2.96 -14.00 -5.94
C SER A 211 3.21 -15.26 -5.16
N ASN A 212 4.11 -15.08 -4.16
CA ASN A 212 4.49 -16.16 -3.30
C ASN A 212 3.75 -16.20 -1.99
N THR A 213 3.22 -15.06 -1.63
CA THR A 213 2.57 -14.90 -0.39
C THR A 213 1.53 -15.92 -0.02
N THR A 214 0.65 -16.23 -0.96
CA THR A 214 -0.49 -17.11 -0.72
C THR A 214 -0.03 -18.48 -0.25
N ALA A 215 0.94 -18.99 -0.99
CA ALA A 215 1.44 -20.32 -0.69
C ALA A 215 2.19 -20.41 0.61
N ALA A 216 2.91 -19.32 0.92
CA ALA A 216 3.71 -19.16 2.15
C ALA A 216 2.84 -19.00 3.41
N ALA A 217 1.67 -18.35 3.21
CA ALA A 217 0.73 -18.14 4.28
C ALA A 217 -0.04 -19.39 4.51
N GLN A 218 -0.44 -20.04 3.42
CA GLN A 218 -1.18 -21.28 3.61
C GLN A 218 -0.40 -22.31 4.50
N GLN A 219 0.88 -22.25 4.26
CA GLN A 219 1.89 -23.04 4.94
C GLN A 219 1.90 -22.80 6.43
N ALA A 220 2.06 -21.52 6.74
CA ALA A 220 2.11 -21.03 8.09
C ALA A 220 0.82 -21.39 8.85
N PHE A 221 -0.33 -20.99 8.34
CA PHE A 221 -1.56 -21.32 9.07
C PHE A 221 -1.80 -22.80 9.21
N THR A 222 -1.35 -23.50 8.18
CA THR A 222 -1.60 -24.89 8.21
C THR A 222 -0.83 -25.55 9.36
N GLU A 223 0.46 -25.30 9.33
CA GLU A 223 1.35 -25.82 10.33
C GLU A 223 0.97 -25.35 11.70
N LEU A 224 0.70 -24.06 11.83
CA LEU A 224 0.34 -23.58 13.13
C LEU A 224 -0.94 -24.20 13.61
N SER A 225 -1.89 -24.41 12.72
CA SER A 225 -3.12 -24.99 13.19
C SER A 225 -2.90 -26.37 13.78
N LYS A 226 -2.03 -27.06 13.11
CA LYS A 226 -1.63 -28.38 13.46
C LYS A 226 -0.99 -28.48 14.87
N GLN A 227 -0.07 -27.57 15.08
CA GLN A 227 0.56 -27.43 16.33
C GLN A 227 -0.46 -27.21 17.43
N GLY A 228 -1.69 -26.85 17.10
CA GLY A 228 -2.67 -26.56 18.11
C GLY A 228 -2.27 -25.40 19.04
N VAL A 229 -1.75 -24.31 18.47
CA VAL A 229 -1.40 -23.12 19.23
C VAL A 229 -2.59 -22.45 19.94
N ALA A 230 -2.34 -21.80 21.07
CA ALA A 230 -3.44 -21.22 21.78
C ALA A 230 -4.03 -19.99 21.07
N GLY A 231 -3.21 -19.23 20.36
CA GLY A 231 -3.65 -18.01 19.72
C GLY A 231 -2.70 -17.74 18.60
N LEU A 232 -3.10 -16.83 17.73
CA LEU A 232 -2.41 -16.43 16.52
C LEU A 232 -2.02 -14.97 16.52
N VAL A 233 -0.84 -14.71 16.00
CA VAL A 233 -0.33 -13.37 15.88
C VAL A 233 0.08 -13.04 14.46
N LEU A 234 -0.81 -12.33 13.80
CA LEU A 234 -0.57 -11.90 12.47
C LEU A 234 0.05 -10.53 12.43
N ASP A 235 1.31 -10.43 12.04
CA ASP A 235 2.00 -9.14 11.99
C ASP A 235 2.25 -8.66 10.55
N ILE A 236 1.48 -7.63 10.25
CA ILE A 236 1.47 -6.95 8.98
C ILE A 236 1.85 -5.52 9.19
N ARG A 237 2.71 -5.25 10.17
CA ARG A 237 3.20 -3.94 10.27
C ARG A 237 4.13 -3.82 9.08
N ASN A 238 4.40 -2.55 8.73
CA ASN A 238 5.22 -2.15 7.65
C ASN A 238 5.08 -2.98 6.40
N ASN A 239 3.87 -3.19 5.99
CA ASN A 239 3.49 -3.97 4.83
C ASN A 239 2.58 -3.16 3.89
N GLY A 240 3.24 -2.60 2.83
CA GLY A 240 2.70 -1.71 1.80
C GLY A 240 1.57 -2.25 0.97
N GLY A 241 1.27 -3.49 1.15
CA GLY A 241 0.23 -3.97 0.28
C GLY A 241 0.82 -4.71 -0.89
N GLY A 242 0.36 -4.43 -2.06
CA GLY A 242 0.89 -5.14 -3.17
C GLY A 242 -0.19 -5.90 -3.90
N LEU A 243 -0.02 -7.19 -4.06
CA LEU A 243 -0.98 -8.00 -4.76
C LEU A 243 -2.34 -8.10 -4.01
N PHE A 244 -3.39 -7.45 -4.49
CA PHE A 244 -4.69 -7.50 -3.85
C PHE A 244 -5.33 -8.88 -3.75
N PRO A 245 -5.30 -9.66 -4.78
CA PRO A 245 -5.89 -10.99 -4.66
C PRO A 245 -5.24 -11.88 -3.59
N ALA A 246 -4.02 -11.57 -3.23
CA ALA A 246 -3.27 -12.31 -2.24
C ALA A 246 -3.78 -11.91 -0.86
N GLY A 247 -4.28 -10.66 -0.77
CA GLY A 247 -4.85 -10.17 0.43
C GLY A 247 -6.17 -10.91 0.73
N VAL A 248 -7.00 -11.04 -0.30
CA VAL A 248 -8.26 -11.74 -0.18
C VAL A 248 -7.99 -13.17 0.23
N ASN A 249 -7.00 -13.72 -0.49
CA ASN A 249 -6.56 -15.09 -0.28
C ASN A 249 -6.26 -15.36 1.19
N VAL A 250 -5.44 -14.53 1.75
CA VAL A 250 -5.18 -14.79 3.13
C VAL A 250 -6.41 -14.57 3.98
N ALA A 251 -7.17 -13.56 3.62
CA ALA A 251 -8.33 -13.29 4.41
C ALA A 251 -9.21 -14.51 4.37
N ARG A 252 -9.30 -15.16 3.25
CA ARG A 252 -10.17 -16.34 3.21
C ARG A 252 -9.63 -17.58 3.93
N MET A 253 -8.39 -17.47 4.36
CA MET A 253 -7.73 -18.51 5.12
C MET A 253 -8.12 -18.47 6.63
N LEU A 254 -8.65 -17.34 7.11
CA LEU A 254 -9.00 -17.08 8.50
C LEU A 254 -10.50 -16.85 8.73
N VAL A 255 -11.18 -16.35 7.69
CA VAL A 255 -12.61 -16.04 7.65
C VAL A 255 -13.40 -17.01 6.74
N ASP A 256 -14.33 -17.73 7.34
CA ASP A 256 -15.14 -18.69 6.64
C ASP A 256 -16.35 -18.14 5.94
N ARG A 257 -16.99 -17.14 6.54
CA ARG A 257 -18.19 -16.56 5.98
C ARG A 257 -18.18 -15.09 6.23
N GLY A 258 -18.83 -14.30 5.34
CA GLY A 258 -18.95 -12.85 5.40
C GLY A 258 -18.20 -12.07 4.29
N ASP A 259 -18.57 -10.83 4.13
CA ASP A 259 -17.88 -10.02 3.15
C ASP A 259 -16.55 -9.63 3.68
N LEU A 260 -15.65 -9.37 2.76
CA LEU A 260 -14.30 -9.10 3.17
C LEU A 260 -13.87 -7.69 2.92
N VAL A 261 -14.26 -7.24 1.70
CA VAL A 261 -13.96 -5.92 1.19
C VAL A 261 -15.00 -5.48 0.20
N LEU A 262 -15.27 -4.18 0.24
CA LEU A 262 -16.12 -3.54 -0.76
C LEU A 262 -15.31 -2.62 -1.70
N ILE A 263 -15.63 -2.63 -3.00
CA ILE A 263 -14.93 -1.70 -3.90
C ILE A 263 -15.94 -0.70 -4.42
N ALA A 264 -15.67 0.54 -4.14
CA ALA A 264 -16.61 1.55 -4.41
C ALA A 264 -15.97 2.77 -5.05
N ASP A 265 -16.84 3.71 -5.40
CA ASP A 265 -16.48 5.03 -5.88
C ASP A 265 -17.54 6.01 -5.45
N SER A 266 -17.45 7.21 -6.04
CA SER A 266 -18.36 8.35 -5.93
C SER A 266 -19.75 7.81 -5.72
N GLN A 267 -20.22 7.06 -6.76
CA GLN A 267 -21.52 6.44 -7.03
C GLN A 267 -21.98 5.22 -6.20
N GLY A 268 -21.09 4.64 -5.40
CA GLY A 268 -21.46 3.47 -4.67
C GLY A 268 -20.62 2.23 -4.94
N ILE A 269 -20.98 1.18 -4.31
CA ILE A 269 -20.23 0.00 -4.43
C ILE A 269 -20.18 -0.54 -5.82
N ARG A 270 -18.99 -0.85 -6.24
CA ARG A 270 -18.78 -1.46 -7.51
C ARG A 270 -18.59 -2.98 -7.36
N ASP A 271 -17.80 -3.39 -6.37
CA ASP A 271 -17.58 -4.84 -6.26
C ASP A 271 -17.57 -5.22 -4.80
N ILE A 272 -17.56 -6.55 -4.57
CA ILE A 272 -17.48 -7.12 -3.22
C ILE A 272 -16.83 -8.43 -3.23
N TYR A 273 -15.93 -8.64 -2.27
CA TYR A 273 -15.27 -9.90 -2.07
C TYR A 273 -15.66 -10.43 -0.71
N SER A 274 -16.03 -11.71 -0.68
CA SER A 274 -16.53 -12.40 0.47
C SER A 274 -15.77 -13.69 0.73
N ALA A 275 -15.91 -14.18 1.93
CA ALA A 275 -15.21 -15.42 2.22
C ALA A 275 -15.89 -16.58 1.46
N ASP A 276 -15.15 -17.70 1.17
CA ASP A 276 -15.72 -18.84 0.42
C ASP A 276 -16.04 -20.02 1.27
N GLY A 277 -15.96 -19.85 2.57
CA GLY A 277 -16.26 -21.02 3.36
C GLY A 277 -15.14 -22.09 3.28
N ASN A 278 -13.90 -21.65 3.14
CA ASN A 278 -12.77 -22.53 3.05
C ASN A 278 -11.63 -22.09 3.99
N SER A 279 -11.93 -21.48 5.12
CA SER A 279 -10.76 -21.10 5.86
C SER A 279 -9.96 -22.28 6.43
N ILE A 280 -8.75 -21.98 6.81
CA ILE A 280 -7.83 -22.91 7.47
C ILE A 280 -8.09 -22.91 8.99
N ASP A 281 -8.20 -21.74 9.51
CA ASP A 281 -8.51 -21.60 10.92
C ASP A 281 -9.39 -20.40 11.16
N SER A 282 -10.62 -20.71 11.38
CA SER A 282 -11.54 -19.63 11.67
C SER A 282 -11.78 -19.52 13.13
N ALA A 283 -11.16 -20.43 13.88
CA ALA A 283 -11.41 -20.51 15.31
C ALA A 283 -10.33 -20.11 16.32
N THR A 284 -9.03 -20.31 16.03
CA THR A 284 -8.06 -19.85 17.03
C THR A 284 -8.10 -18.34 17.16
N PRO A 285 -8.11 -17.90 18.40
CA PRO A 285 -8.04 -16.50 18.68
C PRO A 285 -6.85 -15.90 17.91
N LEU A 286 -7.06 -14.75 17.34
CA LEU A 286 -6.14 -14.07 16.48
C LEU A 286 -6.06 -12.57 16.82
N VAL A 287 -4.87 -12.07 16.92
CA VAL A 287 -4.60 -10.72 17.13
C VAL A 287 -3.79 -10.32 15.92
N VAL A 288 -4.08 -9.17 15.36
CA VAL A 288 -3.41 -8.73 14.16
C VAL A 288 -2.58 -7.52 14.44
N LEU A 289 -1.24 -7.51 14.30
CA LEU A 289 -0.42 -6.34 14.57
C LEU A 289 -0.21 -5.45 13.38
N VAL A 290 -0.55 -4.19 13.54
CA VAL A 290 -0.47 -3.17 12.51
C VAL A 290 0.17 -1.86 12.98
N ASN A 291 0.64 -1.12 12.04
CA ASN A 291 1.14 0.11 12.44
C ASN A 291 0.86 1.16 11.36
N ARG A 292 1.56 2.23 11.38
CA ARG A 292 1.21 3.20 10.38
C ARG A 292 1.85 2.83 9.08
N GLY A 293 2.63 1.75 9.07
CA GLY A 293 3.29 1.31 7.83
C GLY A 293 2.48 0.22 7.10
N THR A 294 1.32 -0.09 7.65
CA THR A 294 0.39 -1.05 7.10
C THR A 294 -0.47 -0.37 6.02
N ALA A 295 -0.40 -0.78 4.74
CA ALA A 295 -1.11 -0.06 3.72
C ALA A 295 -1.67 -0.96 2.71
N SER A 296 -2.70 -0.43 2.15
CA SER A 296 -3.36 -0.95 1.02
C SER A 296 -3.90 -2.34 1.16
N ALA A 297 -3.47 -3.30 0.36
CA ALA A 297 -4.01 -4.63 0.52
C ALA A 297 -3.78 -5.09 1.92
N SER A 298 -2.84 -4.51 2.65
CA SER A 298 -2.69 -4.99 4.03
C SER A 298 -3.77 -4.42 4.90
N GLU A 299 -4.22 -3.21 4.58
CA GLU A 299 -5.32 -2.56 5.27
C GLU A 299 -6.68 -3.22 4.99
N VAL A 300 -6.87 -3.68 3.72
CA VAL A 300 -8.04 -4.44 3.27
C VAL A 300 -8.21 -5.68 4.19
N LEU A 301 -7.06 -6.34 4.39
CA LEU A 301 -6.98 -7.54 5.20
C LEU A 301 -7.31 -7.25 6.65
N ALA A 302 -6.75 -6.16 7.18
CA ALA A 302 -7.01 -5.67 8.53
C ALA A 302 -8.49 -5.40 8.68
N GLY A 303 -9.08 -4.72 7.71
CA GLY A 303 -10.47 -4.42 7.85
C GLY A 303 -11.37 -5.64 7.75
N ALA A 304 -10.94 -6.59 6.92
CA ALA A 304 -11.72 -7.81 6.80
C ALA A 304 -11.76 -8.59 8.12
N LEU A 305 -10.57 -8.71 8.73
CA LEU A 305 -10.42 -9.46 9.96
C LEU A 305 -11.17 -8.86 11.09
N LYS A 306 -11.12 -7.55 11.06
CA LYS A 306 -11.73 -6.75 12.08
C LYS A 306 -13.20 -6.73 11.96
N ASP A 307 -13.71 -6.33 10.80
CA ASP A 307 -15.14 -6.22 10.69
C ASP A 307 -15.87 -7.49 10.82
N SER A 308 -15.16 -8.60 10.57
CA SER A 308 -15.72 -9.95 10.67
C SER A 308 -15.66 -10.42 12.16
N LYS A 309 -14.88 -9.71 12.93
CA LYS A 309 -14.76 -10.06 14.32
C LYS A 309 -13.93 -11.29 14.42
N ARG A 310 -13.24 -11.60 13.31
CA ARG A 310 -12.34 -12.76 13.25
C ARG A 310 -11.14 -12.50 14.15
N GLY A 311 -10.75 -11.22 14.15
CA GLY A 311 -9.62 -10.88 14.96
C GLY A 311 -9.57 -9.48 15.49
N LEU A 312 -8.73 -9.32 16.56
CA LEU A 312 -8.39 -8.07 17.22
C LEU A 312 -7.29 -7.38 16.49
N ILE A 313 -7.44 -6.08 16.40
CA ILE A 313 -6.48 -5.26 15.74
C ILE A 313 -5.73 -4.59 16.84
N ALA A 314 -4.41 -4.77 16.89
CA ALA A 314 -3.50 -4.22 17.88
C ALA A 314 -2.45 -3.32 17.27
N GLY A 315 -2.06 -2.24 17.89
CA GLY A 315 -0.95 -1.48 17.28
C GLY A 315 -1.36 -0.06 17.06
N GLU A 316 -0.97 0.51 15.92
CA GLU A 316 -1.39 1.86 15.63
C GLU A 316 -2.04 1.98 14.29
N ARG A 317 -2.84 3.04 14.18
CA ARG A 317 -3.65 3.33 13.04
C ARG A 317 -2.88 3.15 11.75
N THR A 318 -3.43 2.43 10.80
CA THR A 318 -2.70 2.17 9.55
C THR A 318 -2.57 3.38 8.62
N PHE A 319 -1.85 3.22 7.46
CA PHE A 319 -1.51 4.24 6.46
C PHE A 319 -2.63 5.17 6.02
N GLY A 320 -3.74 4.58 5.60
CA GLY A 320 -4.86 5.27 5.03
C GLY A 320 -4.63 5.30 3.53
N LYS A 321 -4.06 4.27 3.01
CA LYS A 321 -3.85 4.27 1.60
C LYS A 321 -4.89 3.43 0.88
N GLY A 322 -6.07 3.98 0.47
CA GLY A 322 -7.15 3.15 -0.09
C GLY A 322 -7.57 3.31 -1.53
N LEU A 323 -6.76 3.96 -2.34
CA LEU A 323 -7.14 4.20 -3.73
C LEU A 323 -6.59 3.22 -4.76
N ILE A 324 -7.42 2.90 -5.71
CA ILE A 324 -7.12 2.02 -6.79
C ILE A 324 -7.03 2.75 -8.13
N GLN A 325 -5.92 2.67 -8.83
CA GLN A 325 -5.78 3.36 -10.11
C GLN A 325 -5.78 2.37 -11.20
N THR A 326 -5.73 2.91 -12.42
CA THR A 326 -5.63 2.10 -13.65
C THR A 326 -5.13 2.95 -14.81
N VAL A 327 -4.76 2.32 -15.89
CA VAL A 327 -4.31 3.08 -17.03
C VAL A 327 -5.27 2.96 -18.14
N VAL A 328 -5.81 4.09 -18.64
CA VAL A 328 -6.74 4.07 -19.80
C VAL A 328 -5.97 4.48 -21.02
N ASP A 329 -6.02 3.60 -21.99
CA ASP A 329 -5.29 3.83 -23.22
C ASP A 329 -5.97 4.74 -24.18
N LEU A 330 -5.16 5.69 -24.67
CA LEU A 330 -5.66 6.56 -25.68
C LEU A 330 -5.41 5.97 -27.04
N SER A 331 -6.23 6.37 -27.97
CA SER A 331 -6.10 5.89 -29.32
C SER A 331 -4.68 6.07 -29.91
N ASP A 332 -3.91 7.09 -29.59
CA ASP A 332 -2.63 7.30 -30.24
C ASP A 332 -1.49 6.64 -29.48
N GLY A 333 -1.79 5.62 -28.72
CA GLY A 333 -0.70 5.05 -27.93
C GLY A 333 -0.33 5.66 -26.56
N SER A 334 -0.91 6.82 -26.22
CA SER A 334 -0.67 7.39 -24.92
C SER A 334 -1.63 6.71 -23.90
N GLY A 335 -1.55 7.15 -22.64
CA GLY A 335 -2.43 6.61 -21.62
C GLY A 335 -2.74 7.60 -20.52
N VAL A 336 -3.85 7.32 -19.84
CA VAL A 336 -4.19 8.13 -18.68
C VAL A 336 -4.18 7.28 -17.42
N ALA A 337 -3.24 7.60 -16.52
CA ALA A 337 -3.19 6.97 -15.23
C ALA A 337 -4.24 7.62 -14.36
N VAL A 338 -5.34 6.88 -14.00
CA VAL A 338 -6.50 7.35 -13.19
C VAL A 338 -6.86 6.52 -11.94
N THR A 339 -7.26 7.18 -10.84
CA THR A 339 -7.78 6.49 -9.65
C THR A 339 -9.20 6.14 -9.96
N VAL A 340 -9.59 4.91 -10.15
CA VAL A 340 -10.97 4.67 -10.49
C VAL A 340 -11.86 4.15 -9.39
N ALA A 341 -11.18 3.73 -8.28
CA ALA A 341 -11.86 3.04 -7.20
C ALA A 341 -11.19 3.20 -5.86
N ARG A 342 -11.94 2.73 -4.83
CA ARG A 342 -11.53 2.79 -3.45
C ARG A 342 -11.98 1.57 -2.62
N TYR A 343 -11.11 1.22 -1.69
CA TYR A 343 -11.44 0.10 -0.80
C TYR A 343 -12.18 0.57 0.43
N GLN A 344 -13.10 -0.27 0.87
CA GLN A 344 -13.82 -0.05 2.07
C GLN A 344 -14.00 -1.34 2.81
N THR A 345 -13.87 -1.25 4.11
CA THR A 345 -14.11 -2.39 4.92
C THR A 345 -15.56 -2.75 4.85
N PRO A 346 -15.84 -4.00 5.21
CA PRO A 346 -17.19 -4.54 5.18
C PRO A 346 -18.19 -3.70 5.92
N ALA A 347 -17.73 -3.07 6.98
CA ALA A 347 -18.55 -2.16 7.81
C ALA A 347 -18.80 -0.80 7.19
N GLY A 348 -18.23 -0.44 6.02
CA GLY A 348 -18.53 0.88 5.41
C GLY A 348 -17.41 1.91 5.59
N VAL A 349 -16.38 1.47 6.25
CA VAL A 349 -15.22 2.31 6.46
C VAL A 349 -14.39 2.54 5.23
N ASP A 350 -14.09 3.80 5.09
CA ASP A 350 -13.27 4.24 4.01
C ASP A 350 -11.78 4.15 4.37
N ILE A 351 -11.13 3.21 3.72
CA ILE A 351 -9.78 2.98 4.03
C ILE A 351 -8.90 4.19 3.86
N ASN A 352 -8.95 4.72 2.63
CA ASN A 352 -8.18 5.88 2.25
C ASN A 352 -8.23 6.98 3.27
N LYS A 353 -9.39 7.32 3.73
CA LYS A 353 -9.38 8.38 4.70
C LYS A 353 -8.73 8.06 6.04
N ILE A 354 -9.56 7.33 6.73
CA ILE A 354 -9.40 6.86 8.05
C ILE A 354 -8.32 5.85 8.33
N GLY A 355 -8.14 4.90 7.44
CA GLY A 355 -7.24 3.90 7.87
C GLY A 355 -8.05 2.98 8.80
N VAL A 356 -7.42 1.86 9.18
CA VAL A 356 -7.97 0.84 10.08
C VAL A 356 -7.45 1.14 11.52
N SER A 357 -8.36 1.35 12.47
CA SER A 357 -7.95 1.69 13.84
C SER A 357 -7.91 0.41 14.67
N PRO A 358 -6.98 0.34 15.65
CA PRO A 358 -6.84 -0.81 16.53
C PRO A 358 -7.99 -0.93 17.53
N ASP A 359 -8.29 -2.18 17.96
CA ASP A 359 -9.24 -2.52 19.02
C ASP A 359 -8.51 -2.42 20.35
N VAL A 360 -7.27 -2.95 20.32
CA VAL A 360 -6.32 -2.96 21.43
C VAL A 360 -5.25 -1.97 21.08
N GLN A 361 -5.40 -0.76 21.61
CA GLN A 361 -4.39 0.23 21.31
C GLN A 361 -3.15 -0.24 22.00
N LEU A 362 -2.12 -0.52 21.20
CA LEU A 362 -0.84 -1.01 21.71
C LEU A 362 0.35 -0.15 21.29
N ASP A 363 1.49 -0.42 21.92
CA ASP A 363 2.69 0.27 21.63
C ASP A 363 3.42 -0.55 20.57
N PRO A 364 2.90 -0.44 19.34
CA PRO A 364 3.31 -1.20 18.16
C PRO A 364 4.72 -1.75 18.05
N GLU A 365 5.72 -1.10 18.65
CA GLU A 365 7.07 -1.58 18.40
C GLU A 365 7.55 -2.63 19.36
N VAL A 366 6.63 -2.99 20.23
CA VAL A 366 6.90 -3.90 21.30
C VAL A 366 7.62 -5.16 20.82
N LEU A 367 7.15 -5.67 19.69
CA LEU A 367 7.69 -6.88 19.11
C LEU A 367 8.66 -6.63 18.00
N PRO A 368 9.74 -7.44 18.02
CA PRO A 368 10.70 -7.50 16.95
C PRO A 368 10.02 -8.30 15.84
N THR A 369 10.74 -8.63 14.78
CA THR A 369 10.13 -9.44 13.71
C THR A 369 10.89 -10.72 13.50
N ASP A 370 12.10 -10.75 14.05
CA ASP A 370 12.90 -11.96 14.00
C ASP A 370 12.30 -12.95 15.00
N LEU A 371 12.36 -14.13 14.56
CA LEU A 371 11.71 -15.17 15.23
C LEU A 371 12.16 -15.42 16.66
N GLU A 372 13.41 -15.61 16.88
CA GLU A 372 13.90 -15.90 18.20
C GLU A 372 13.43 -14.81 19.11
N GLY A 373 13.60 -13.62 18.56
CA GLY A 373 13.39 -12.40 19.30
C GLY A 373 11.96 -12.22 19.73
N VAL A 374 11.11 -12.47 18.75
CA VAL A 374 9.73 -12.38 18.96
C VAL A 374 9.28 -13.27 20.17
N CYS A 375 9.66 -14.56 20.22
CA CYS A 375 9.21 -15.49 21.27
C CYS A 375 9.65 -15.11 22.65
N ARG A 376 10.84 -14.52 22.72
CA ARG A 376 11.53 -14.07 23.92
C ARG A 376 10.68 -12.94 24.56
N VAL A 377 10.39 -12.00 23.74
CA VAL A 377 9.59 -10.92 24.16
C VAL A 377 8.25 -11.47 24.68
N LEU A 378 7.70 -12.37 23.90
CA LEU A 378 6.47 -13.01 24.26
C LEU A 378 6.65 -13.90 25.49
N GLY A 379 7.83 -14.41 25.70
CA GLY A 379 8.00 -15.22 26.88
C GLY A 379 8.35 -14.29 28.02
N SER A 380 8.61 -13.02 27.77
CA SER A 380 9.04 -12.21 28.86
C SER A 380 7.98 -11.89 29.82
N ASP A 381 8.47 -11.55 31.00
CA ASP A 381 7.63 -11.12 32.10
C ASP A 381 6.89 -9.82 31.76
N ALA A 382 7.56 -8.98 30.92
CA ALA A 382 7.03 -7.74 30.39
C ALA A 382 6.27 -7.96 29.05
N ALA A 383 5.94 -9.19 28.69
CA ALA A 383 5.26 -9.47 27.43
C ALA A 383 4.08 -8.57 27.22
N PRO A 384 3.77 -8.24 25.98
CA PRO A 384 2.63 -7.40 25.68
C PRO A 384 1.33 -8.14 25.77
N ARG A 385 0.37 -7.37 26.19
CA ARG A 385 -0.97 -7.80 26.44
C ARG A 385 -1.69 -7.70 25.13
N LEU A 386 -1.34 -8.66 24.30
CA LEU A 386 -1.79 -8.81 22.92
C LEU A 386 -3.32 -8.79 22.69
N PHE A 387 -4.06 -9.51 23.52
CA PHE A 387 -5.49 -9.70 23.45
C PHE A 387 -6.33 -8.91 24.46
#